data_6VLJ
#
_entry.id   6VLJ
#
_entity_poly.entity_id   1
_entity_poly.type   'polypeptide(L)'
_entity_poly.pdbx_seq_one_letter_code
;AACHNHAP(DAL)MPP(DAL)YWEGEC
;
_entity_poly.pdbx_strand_id   A
#
# COMPACT_ATOMS: atom_id res chain seq x y z
N ALA A 1 3.96 3.07 -6.72
CA ALA A 1 3.39 2.91 -5.35
C ALA A 1 3.91 4.02 -4.45
N ALA A 2 3.01 4.60 -3.65
CA ALA A 2 3.39 5.67 -2.75
C ALA A 2 4.37 5.16 -1.69
N CYS A 3 4.14 3.94 -1.23
CA CYS A 3 5.02 3.35 -0.22
C CYS A 3 6.42 3.13 -0.78
N HIS A 4 6.49 2.75 -2.05
CA HIS A 4 7.77 2.51 -2.71
C HIS A 4 8.36 1.18 -2.26
N ASN A 5 8.03 0.77 -1.04
CA ASN A 5 8.55 -0.49 -0.49
C ASN A 5 7.53 -1.61 -0.70
N HIS A 6 6.55 -1.36 -1.56
CA HIS A 6 5.51 -2.34 -1.84
C HIS A 6 4.57 -2.50 -0.65
N ALA A 7 5.14 -2.85 0.50
CA ALA A 7 4.34 -3.01 1.71
C ALA A 7 5.21 -3.43 2.89
N PRO A 8 4.72 -3.26 4.08
CA PRO A 8 3.36 -2.69 4.34
C PRO A 8 3.27 -1.23 3.89
N MET A 10 1.21 2.63 3.81
CA MET A 10 0.56 3.52 4.75
C MET A 10 -0.91 3.69 4.39
N PRO A 11 -1.21 3.82 3.13
CA PRO A 11 -2.61 3.99 2.65
C PRO A 11 -3.50 2.81 3.04
N PRO A 12 -4.39 3.02 3.98
CA PRO A 12 -5.32 1.96 4.48
C PRO A 12 -6.25 1.43 3.40
N TYR A 14 -5.68 1.49 0.19
CA TYR A 14 -5.67 2.36 -0.97
C TYR A 14 -5.72 1.54 -2.25
N TRP A 15 -4.90 0.50 -2.29
CA TRP A 15 -4.84 -0.38 -3.45
C TRP A 15 -6.01 -1.35 -3.44
N GLU A 16 -6.83 -1.28 -2.38
CA GLU A 16 -7.97 -2.16 -2.25
C GLU A 16 -7.56 -3.61 -2.45
N GLY A 17 -6.33 -3.93 -2.06
CA GLY A 17 -5.83 -5.29 -2.21
C GLY A 17 -5.04 -5.73 -0.98
N GLU A 18 -4.14 -4.86 -0.51
CA GLU A 18 -3.33 -5.17 0.65
C GLU A 18 -4.19 -5.30 1.91
N CYS A 19 -5.10 -4.34 2.09
CA CYS A 19 -5.98 -4.35 3.24
C CYS A 19 -6.68 -5.70 3.38
N ALA A 1 5.34 8.58 -3.89
CA ALA A 1 4.11 8.69 -3.05
C ALA A 1 3.72 7.30 -2.55
N ALA A 2 3.24 6.46 -3.45
CA ALA A 2 2.83 5.11 -3.07
C ALA A 2 4.03 4.30 -2.61
N CYS A 3 3.82 3.45 -1.60
CA CYS A 3 4.91 2.64 -1.07
C CYS A 3 5.39 1.64 -2.13
N HIS A 4 4.45 1.08 -2.87
CA HIS A 4 4.78 0.11 -3.91
C HIS A 4 6.01 -0.71 -3.50
N ASN A 5 6.17 -0.92 -2.20
CA ASN A 5 7.30 -1.69 -1.69
C ASN A 5 6.82 -2.99 -1.04
N HIS A 6 7.31 -3.27 0.16
CA HIS A 6 6.92 -4.49 0.87
C HIS A 6 5.64 -4.25 1.68
N ALA A 7 5.25 -2.99 1.79
CA ALA A 7 4.04 -2.64 2.53
C ALA A 7 4.15 -3.10 3.99
N PRO A 8 3.23 -2.69 4.82
CA PRO A 8 2.09 -1.82 4.40
C PRO A 8 2.55 -0.42 4.00
N MET A 10 1.65 3.87 3.20
CA MET A 10 1.00 4.96 3.89
C MET A 10 -0.51 4.72 3.99
N PRO A 11 -1.20 4.78 2.88
CA PRO A 11 -2.68 4.55 2.84
C PRO A 11 -3.03 3.08 3.06
N PRO A 12 -3.63 2.78 4.19
CA PRO A 12 -4.04 1.39 4.55
C PRO A 12 -5.18 0.86 3.69
N TYR A 14 -4.93 1.26 0.05
CA TYR A 14 -4.96 2.11 -1.14
C TYR A 14 -5.24 1.26 -2.38
N TRP A 15 -4.52 0.15 -2.48
CA TRP A 15 -4.67 -0.75 -3.63
C TRP A 15 -5.87 -1.66 -3.41
N GLU A 16 -6.53 -1.50 -2.27
CA GLU A 16 -7.70 -2.32 -1.94
C GLU A 16 -7.42 -3.78 -2.27
N GLY A 17 -6.15 -4.13 -2.34
CA GLY A 17 -5.76 -5.50 -2.66
C GLY A 17 -4.98 -6.12 -1.51
N GLU A 18 -3.98 -5.38 -1.01
CA GLU A 18 -3.15 -5.87 0.09
C GLU A 18 -3.98 -6.00 1.37
N CYS A 19 -4.85 -5.02 1.59
CA CYS A 19 -5.70 -5.02 2.78
C CYS A 19 -6.89 -5.95 2.59
N ALA A 1 4.63 5.21 -6.01
CA ALA A 1 4.96 6.48 -5.31
C ALA A 1 4.90 6.27 -3.80
N ALA A 2 3.75 5.81 -3.33
CA ALA A 2 3.56 5.56 -1.90
C ALA A 2 4.42 4.39 -1.45
N CYS A 3 4.93 4.48 -0.22
CA CYS A 3 5.77 3.41 0.32
C CYS A 3 7.17 3.46 -0.30
N HIS A 4 7.21 3.70 -1.60
CA HIS A 4 8.49 3.76 -2.31
C HIS A 4 9.20 2.41 -2.27
N ASN A 5 8.59 1.45 -1.58
CA ASN A 5 9.17 0.11 -1.49
C ASN A 5 8.15 -0.95 -1.86
N HIS A 6 7.54 -1.57 -0.84
CA HIS A 6 6.55 -2.60 -1.06
C HIS A 6 5.59 -2.69 0.13
N ALA A 7 4.45 -3.33 -0.09
CA ALA A 7 3.45 -3.47 0.97
C ALA A 7 4.10 -4.02 2.24
N PRO A 8 3.55 -3.70 3.38
CA PRO A 8 2.35 -2.81 3.48
C PRO A 8 2.65 -1.39 3.06
N MET A 10 1.50 2.90 2.76
CA MET A 10 1.04 3.95 3.66
C MET A 10 -0.48 3.98 3.72
N PRO A 11 -1.12 4.13 2.58
CA PRO A 11 -2.61 4.18 2.48
C PRO A 11 -3.25 2.83 2.84
N PRO A 12 -3.84 2.75 4.00
CA PRO A 12 -4.50 1.50 4.48
C PRO A 12 -5.70 1.09 3.63
N TYR A 14 -5.22 0.88 0.07
CA TYR A 14 -5.00 1.49 -1.23
C TYR A 14 -5.21 0.48 -2.35
N TRP A 15 -4.66 -0.72 -2.15
CA TRP A 15 -4.79 -1.78 -3.12
C TRP A 15 -6.18 -2.41 -3.04
N GLU A 16 -6.96 -1.95 -2.08
CA GLU A 16 -8.31 -2.47 -1.87
C GLU A 16 -8.31 -3.99 -1.93
N GLY A 17 -7.15 -4.59 -1.68
CA GLY A 17 -7.02 -6.04 -1.71
C GLY A 17 -6.58 -6.57 -0.35
N GLU A 18 -5.55 -5.95 0.21
CA GLU A 18 -5.03 -6.36 1.52
C GLU A 18 -6.05 -6.10 2.61
N CYS A 19 -6.78 -4.99 2.48
CA CYS A 19 -7.79 -4.62 3.46
C CYS A 19 -9.14 -5.24 3.11
N ALA A 1 4.38 7.05 -4.65
CA ALA A 1 5.28 6.08 -3.96
C ALA A 1 4.86 5.94 -2.50
N ALA A 2 3.62 5.52 -2.28
CA ALA A 2 3.12 5.36 -0.92
C ALA A 2 3.91 4.29 -0.18
N CYS A 3 4.25 3.22 -0.89
CA CYS A 3 5.01 2.13 -0.28
C CYS A 3 6.48 2.23 -0.65
N HIS A 4 6.75 2.90 -1.77
CA HIS A 4 8.13 3.05 -2.23
C HIS A 4 8.68 1.73 -2.73
N ASN A 5 8.37 0.65 -2.03
CA ASN A 5 8.84 -0.68 -2.42
C ASN A 5 7.72 -1.70 -2.34
N HIS A 6 7.29 -2.01 -1.10
CA HIS A 6 6.22 -2.98 -0.90
C HIS A 6 5.51 -2.70 0.43
N ALA A 7 4.29 -3.23 0.56
CA ALA A 7 3.52 -3.04 1.78
C ALA A 7 4.42 -3.12 3.01
N PRO A 8 3.99 -2.53 4.10
CA PRO A 8 2.71 -1.79 4.16
C PRO A 8 2.74 -0.51 3.34
N MET A 10 1.34 3.38 2.41
CA MET A 10 0.86 4.57 3.11
C MET A 10 -0.65 4.51 3.29
N PRO A 11 -1.38 4.58 2.20
CA PRO A 11 -2.87 4.52 2.23
C PRO A 11 -3.38 3.14 2.64
N PRO A 12 -3.92 3.05 3.82
CA PRO A 12 -4.45 1.77 4.38
C PRO A 12 -5.61 1.20 3.56
N TYR A 14 -5.38 1.05 -0.06
CA TYR A 14 -5.43 1.74 -1.34
C TYR A 14 -5.75 0.77 -2.47
N TRP A 15 -5.08 -0.38 -2.43
CA TRP A 15 -5.28 -1.40 -3.45
C TRP A 15 -6.58 -2.16 -3.18
N GLU A 16 -7.23 -1.82 -2.07
CA GLU A 16 -8.47 -2.47 -1.68
C GLU A 16 -8.36 -3.98 -1.88
N GLY A 17 -7.15 -4.50 -1.70
CA GLY A 17 -6.92 -5.93 -1.86
C GLY A 17 -5.97 -6.45 -0.79
N GLU A 18 -4.89 -5.71 -0.56
CA GLU A 18 -3.90 -6.10 0.44
C GLU A 18 -4.48 -6.05 1.83
N CYS A 19 -5.32 -5.04 2.07
CA CYS A 19 -5.95 -4.88 3.38
C CYS A 19 -7.18 -5.77 3.50
N ALA A 1 0.15 -1.15 -4.68
CA ALA A 1 1.28 -0.99 -3.73
C ALA A 1 2.13 0.19 -4.17
N ALA A 2 1.57 1.40 -4.09
CA ALA A 2 2.29 2.60 -4.49
C ALA A 2 3.51 2.81 -3.59
N CYS A 3 3.35 2.49 -2.30
CA CYS A 3 4.44 2.65 -1.36
C CYS A 3 5.77 2.30 -2.01
N HIS A 4 6.63 3.31 -2.17
CA HIS A 4 7.92 3.10 -2.78
C HIS A 4 8.69 1.99 -2.07
N ASN A 5 8.67 2.03 -0.73
CA ASN A 5 9.37 1.01 0.05
C ASN A 5 8.75 -0.36 -0.16
N HIS A 6 8.18 -0.92 0.90
CA HIS A 6 7.54 -2.23 0.83
C HIS A 6 6.22 -2.24 1.60
N ALA A 7 5.24 -2.96 1.07
CA ALA A 7 3.94 -3.04 1.70
C ALA A 7 4.05 -3.62 3.12
N PRO A 8 3.11 -3.31 3.97
CA PRO A 8 1.96 -2.43 3.61
C PRO A 8 2.38 -0.99 3.40
N MET A 10 1.79 3.11 3.74
CA MET A 10 1.19 4.08 4.65
C MET A 10 -0.33 4.08 4.51
N PRO A 11 -0.81 4.26 3.31
CA PRO A 11 -2.28 4.28 3.02
C PRO A 11 -2.95 2.95 3.39
N PRO A 12 -3.67 2.93 4.47
CA PRO A 12 -4.36 1.70 4.96
C PRO A 12 -5.47 1.23 4.01
N TYR A 14 -5.64 1.90 0.89
CA TYR A 14 -5.95 2.97 -0.06
C TYR A 14 -6.16 2.40 -1.45
N TRP A 15 -5.28 1.50 -1.84
CA TRP A 15 -5.36 0.87 -3.15
C TRP A 15 -6.45 -0.19 -3.16
N GLU A 16 -7.08 -0.38 -2.00
CA GLU A 16 -8.14 -1.37 -1.86
C GLU A 16 -7.74 -2.67 -2.54
N GLY A 17 -6.45 -2.97 -2.53
CA GLY A 17 -5.94 -4.18 -3.15
C GLY A 17 -4.92 -4.86 -2.26
N GLU A 18 -3.99 -4.07 -1.72
CA GLU A 18 -2.95 -4.60 -0.85
C GLU A 18 -3.54 -5.11 0.46
N CYS A 19 -4.48 -4.35 1.00
CA CYS A 19 -5.12 -4.73 2.25
C CYS A 19 -5.96 -6.00 2.07
N ALA A 1 6.68 6.41 -5.74
CA ALA A 1 5.38 5.85 -5.26
C ALA A 1 5.41 5.74 -3.75
N ALA A 2 4.22 5.63 -3.14
CA ALA A 2 4.12 5.52 -1.69
C ALA A 2 4.72 4.20 -1.22
N CYS A 3 5.38 4.23 -0.06
CA CYS A 3 5.99 3.03 0.49
C CYS A 3 7.20 2.61 -0.34
N HIS A 4 7.08 2.73 -1.66
CA HIS A 4 8.17 2.36 -2.55
C HIS A 4 8.67 0.94 -2.24
N ASN A 5 7.92 0.23 -1.41
CA ASN A 5 8.30 -1.13 -1.05
C ASN A 5 7.08 -2.05 -1.04
N HIS A 6 6.86 -2.73 -2.16
CA HIS A 6 5.71 -3.64 -2.28
C HIS A 6 4.91 -3.67 -0.98
N ALA A 7 4.18 -2.59 -0.72
CA ALA A 7 3.38 -2.50 0.49
C ALA A 7 4.22 -2.82 1.72
N PRO A 8 3.76 -2.43 2.87
CA PRO A 8 2.47 -1.70 3.02
C PRO A 8 2.56 -0.28 2.49
N MET A 10 0.77 4.09 3.19
CA MET A 10 0.08 5.02 4.08
C MET A 10 -1.40 4.67 4.17
N PRO A 11 -2.13 4.84 3.10
CA PRO A 11 -3.59 4.53 3.06
C PRO A 11 -3.87 3.05 3.29
N PRO A 12 -4.34 2.71 4.46
CA PRO A 12 -4.65 1.30 4.83
C PRO A 12 -5.79 0.70 4.00
N TYR A 14 -5.48 0.98 0.37
CA TYR A 14 -5.43 1.72 -0.87
C TYR A 14 -5.49 0.78 -2.06
N TRP A 15 -4.73 -0.31 -1.97
CA TRP A 15 -4.67 -1.29 -3.03
C TRP A 15 -5.92 -2.17 -2.99
N GLU A 16 -6.79 -1.90 -2.02
CA GLU A 16 -8.02 -2.66 -1.86
C GLU A 16 -7.75 -4.15 -2.03
N GLY A 17 -6.49 -4.54 -1.87
CA GLY A 17 -6.10 -5.93 -2.01
C GLY A 17 -5.44 -6.45 -0.73
N GLU A 18 -4.54 -5.65 -0.17
CA GLU A 18 -3.84 -6.04 1.05
C GLU A 18 -4.82 -6.10 2.22
N CYS A 19 -5.79 -5.20 2.22
CA CYS A 19 -6.78 -5.16 3.29
C CYS A 19 -7.96 -6.09 2.97
N ALA A 1 3.02 10.12 -1.37
CA ALA A 1 3.45 9.10 -2.37
C ALA A 1 3.32 7.71 -1.76
N ALA A 2 2.56 6.86 -2.43
CA ALA A 2 2.37 5.49 -1.96
C ALA A 2 3.66 4.69 -2.06
N CYS A 3 3.87 3.79 -1.11
CA CYS A 3 5.07 2.97 -1.11
C CYS A 3 4.95 1.85 -2.15
N HIS A 4 5.78 1.92 -3.18
CA HIS A 4 5.76 0.92 -4.24
C HIS A 4 6.06 -0.47 -3.68
N ASN A 5 6.54 -0.51 -2.45
CA ASN A 5 6.87 -1.78 -1.80
C ASN A 5 5.60 -2.53 -1.43
N HIS A 6 5.71 -3.85 -1.31
CA HIS A 6 4.56 -4.68 -0.96
C HIS A 6 3.92 -4.19 0.34
N ALA A 7 4.76 -3.81 1.30
CA ALA A 7 4.26 -3.33 2.58
C ALA A 7 5.40 -3.20 3.59
N PRO A 8 5.21 -2.40 4.60
CA PRO A 8 3.94 -1.65 4.81
C PRO A 8 3.77 -0.52 3.79
N MET A 10 1.55 3.66 3.16
CA MET A 10 0.88 4.81 3.77
C MET A 10 -0.63 4.68 3.63
N PRO A 11 -1.14 4.79 2.43
CA PRO A 11 -2.60 4.68 2.15
C PRO A 11 -3.15 3.30 2.51
N PRO A 12 -3.86 3.21 3.60
CA PRO A 12 -4.45 1.93 4.08
C PRO A 12 -5.49 1.35 3.12
N TYR A 14 -4.51 1.00 -0.37
CA TYR A 14 -4.16 1.56 -1.67
C TYR A 14 -4.15 0.46 -2.73
N TRP A 15 -3.51 -0.65 -2.39
CA TRP A 15 -3.42 -1.78 -3.31
C TRP A 15 -4.77 -2.48 -3.41
N GLU A 16 -5.76 -1.95 -2.69
CA GLU A 16 -7.09 -2.53 -2.70
C GLU A 16 -7.02 -4.05 -2.66
N GLY A 17 -5.95 -4.57 -2.06
CA GLY A 17 -5.77 -6.01 -1.95
C GLY A 17 -5.29 -6.40 -0.56
N GLU A 18 -4.36 -5.60 -0.02
CA GLU A 18 -3.82 -5.88 1.31
C GLU A 18 -4.90 -5.70 2.37
N CYS A 19 -5.74 -4.69 2.20
CA CYS A 19 -6.80 -4.42 3.16
C CYS A 19 -8.00 -5.34 2.90
N ALA A 1 1.44 5.77 -5.53
CA ALA A 1 1.76 4.71 -4.53
C ALA A 1 2.86 5.21 -3.60
N ALA A 2 2.48 5.51 -2.36
CA ALA A 2 3.44 6.00 -1.37
C ALA A 2 4.50 4.94 -1.09
N CYS A 3 4.07 3.68 -1.05
CA CYS A 3 4.99 2.58 -0.78
C CYS A 3 5.88 2.33 -1.99
N HIS A 4 6.99 3.03 -2.04
CA HIS A 4 7.93 2.89 -3.16
C HIS A 4 8.49 1.47 -3.20
N ASN A 5 8.56 0.83 -2.03
CA ASN A 5 9.09 -0.54 -1.96
C ASN A 5 7.95 -1.56 -1.93
N HIS A 6 7.66 -2.08 -0.75
CA HIS A 6 6.60 -3.06 -0.59
C HIS A 6 5.92 -2.92 0.77
N ALA A 7 4.77 -3.57 0.93
CA ALA A 7 4.04 -3.49 2.18
C ALA A 7 4.97 -3.66 3.37
N PRO A 8 4.57 -3.19 4.53
CA PRO A 8 3.26 -2.49 4.70
C PRO A 8 3.21 -1.17 3.93
N MET A 10 1.55 2.75 3.16
CA MET A 10 1.13 3.91 3.93
C MET A 10 -0.40 4.06 3.85
N PRO A 11 -0.91 4.34 2.69
CA PRO A 11 -2.38 4.51 2.47
C PRO A 11 -3.15 3.23 2.80
N PRO A 12 -3.90 3.26 3.86
CA PRO A 12 -4.70 2.08 4.32
C PRO A 12 -5.74 1.63 3.30
N TYR A 14 -4.87 1.29 -0.17
CA TYR A 14 -4.58 1.96 -1.43
C TYR A 14 -4.84 1.02 -2.60
N TRP A 15 -4.34 -0.21 -2.48
CA TRP A 15 -4.50 -1.21 -3.52
C TRP A 15 -5.88 -1.87 -3.40
N GLU A 16 -6.63 -1.44 -2.40
CA GLU A 16 -7.96 -1.99 -2.16
C GLU A 16 -7.93 -3.51 -2.25
N GLY A 17 -6.74 -4.08 -2.09
CA GLY A 17 -6.58 -5.53 -2.15
C GLY A 17 -6.04 -6.08 -0.84
N GLU A 18 -5.00 -5.44 -0.32
CA GLU A 18 -4.40 -5.87 0.94
C GLU A 18 -5.36 -5.68 2.10
N CYS A 19 -6.12 -4.58 2.06
CA CYS A 19 -7.08 -4.30 3.11
C CYS A 19 -8.36 -5.11 2.91
N ALA A 1 2.67 8.62 -3.29
CA ALA A 1 1.47 7.74 -3.27
C ALA A 1 1.88 6.31 -2.95
N ALA A 2 2.55 5.67 -3.90
CA ALA A 2 3.00 4.29 -3.71
C ALA A 2 4.07 4.22 -2.62
N CYS A 3 4.05 3.14 -1.86
CA CYS A 3 5.03 2.96 -0.78
C CYS A 3 6.44 2.85 -1.36
N HIS A 4 6.54 2.36 -2.59
CA HIS A 4 7.82 2.20 -3.25
C HIS A 4 8.60 1.03 -2.65
N ASN A 5 7.93 0.28 -1.77
CA ASN A 5 8.56 -0.86 -1.13
C ASN A 5 7.50 -1.90 -0.78
N HIS A 6 7.95 -3.06 -0.30
CA HIS A 6 7.03 -4.12 0.07
C HIS A 6 6.22 -3.73 1.30
N ALA A 7 4.93 -4.06 1.27
CA ALA A 7 4.05 -3.72 2.38
C ALA A 7 4.77 -3.92 3.72
N PRO A 8 4.20 -3.43 4.78
CA PRO A 8 2.89 -2.71 4.74
C PRO A 8 2.97 -1.40 3.97
N MET A 10 1.78 2.45 3.33
CA MET A 10 1.21 3.58 4.07
C MET A 10 -0.25 3.79 3.68
N PRO A 11 -0.54 3.78 2.41
CA PRO A 11 -1.93 3.97 1.88
C PRO A 11 -2.90 2.96 2.49
N PRO A 12 -3.74 3.40 3.37
CA PRO A 12 -4.74 2.52 4.05
C PRO A 12 -5.75 1.91 3.07
N TYR A 14 -5.38 1.62 -0.03
CA TYR A 14 -5.39 2.38 -1.28
C TYR A 14 -5.45 1.44 -2.47
N TRP A 15 -4.63 0.40 -2.43
CA TRP A 15 -4.62 -0.57 -3.51
C TRP A 15 -5.90 -1.39 -3.45
N GLU A 16 -6.70 -1.15 -2.40
CA GLU A 16 -7.95 -1.86 -2.24
C GLU A 16 -7.77 -3.35 -2.55
N GLY A 17 -7.05 -4.03 -1.67
CA GLY A 17 -6.80 -5.45 -1.84
C GLY A 17 -5.84 -5.97 -0.77
N GLU A 18 -4.75 -5.23 -0.55
CA GLU A 18 -3.78 -5.62 0.46
C GLU A 18 -4.38 -5.52 1.86
N CYS A 19 -5.15 -4.46 2.09
CA CYS A 19 -5.79 -4.24 3.38
C CYS A 19 -6.72 -5.41 3.72
N ALA A 1 1.53 6.76 -6.15
CA ALA A 1 2.78 7.05 -5.39
C ALA A 1 2.79 6.24 -4.10
N ALA A 2 2.65 4.94 -4.24
CA ALA A 2 2.65 4.05 -3.07
C ALA A 2 3.99 4.11 -2.36
N CYS A 3 3.96 3.94 -1.04
CA CYS A 3 5.18 3.99 -0.24
C CYS A 3 6.41 3.68 -1.08
N HIS A 4 6.93 2.46 -0.94
CA HIS A 4 8.11 2.05 -1.69
C HIS A 4 7.85 0.72 -2.39
N ASN A 5 7.09 -0.17 -1.75
CA ASN A 5 6.78 -1.47 -2.33
C ASN A 5 5.32 -1.82 -2.10
N HIS A 6 5.04 -3.12 -2.03
CA HIS A 6 3.67 -3.58 -1.81
C HIS A 6 3.18 -3.19 -0.43
N ALA A 7 4.08 -3.25 0.55
CA ALA A 7 3.72 -2.88 1.92
C ALA A 7 4.85 -3.24 2.89
N PRO A 8 4.72 -2.83 4.12
CA PRO A 8 3.56 -2.05 4.61
C PRO A 8 3.64 -0.60 4.17
N MET A 10 1.59 3.48 4.02
CA MET A 10 0.91 4.41 4.91
C MET A 10 -0.60 4.31 4.74
N PRO A 11 -1.08 4.47 3.53
CA PRO A 11 -2.54 4.39 3.22
C PRO A 11 -3.09 2.98 3.38
N PRO A 12 -3.94 2.78 4.34
CA PRO A 12 -4.55 1.45 4.63
C PRO A 12 -5.58 1.04 3.58
N TYR A 14 -4.53 1.20 0.09
CA TYR A 14 -4.11 1.90 -1.11
C TYR A 14 -4.04 0.94 -2.29
N TRP A 15 -3.44 -0.22 -2.05
CA TRP A 15 -3.28 -1.23 -3.09
C TRP A 15 -4.60 -1.96 -3.29
N GLU A 16 -5.61 -1.58 -2.51
CA GLU A 16 -6.92 -2.20 -2.60
C GLU A 16 -6.78 -3.71 -2.73
N GLY A 17 -5.64 -4.23 -2.30
CA GLY A 17 -5.39 -5.67 -2.37
C GLY A 17 -5.19 -6.26 -0.98
N GLU A 18 -4.36 -5.61 -0.18
CA GLU A 18 -4.09 -6.08 1.17
C GLU A 18 -5.33 -5.96 2.04
N CYS A 19 -6.08 -4.88 1.84
CA CYS A 19 -7.30 -4.65 2.62
C CYS A 19 -8.49 -5.34 1.96
N ALA A 1 0.78 2.27 -4.93
CA ALA A 1 1.83 1.72 -4.02
C ALA A 1 2.93 2.76 -3.84
N ALA A 2 2.63 3.80 -3.06
CA ALA A 2 3.61 4.86 -2.81
C ALA A 2 4.82 4.30 -2.06
N CYS A 3 4.55 3.39 -1.14
CA CYS A 3 5.63 2.79 -0.35
C CYS A 3 6.86 2.61 -1.22
N HIS A 4 7.92 3.34 -0.89
CA HIS A 4 9.17 3.26 -1.64
C HIS A 4 9.64 1.81 -1.72
N ASN A 5 9.50 1.08 -0.62
CA ASN A 5 9.92 -0.31 -0.59
C ASN A 5 8.76 -1.23 -0.94
N HIS A 6 7.64 -0.62 -1.35
CA HIS A 6 6.45 -1.39 -1.71
C HIS A 6 5.83 -2.05 -0.48
N ALA A 7 4.76 -2.82 -0.71
CA ALA A 7 4.08 -3.49 0.39
C ALA A 7 5.05 -3.79 1.53
N PRO A 8 4.67 -3.49 2.74
CA PRO A 8 3.34 -2.88 3.06
C PRO A 8 3.22 -1.45 2.52
N MET A 10 1.20 2.77 3.47
CA MET A 10 0.57 3.63 4.45
C MET A 10 -0.91 3.83 4.14
N PRO A 11 -1.23 4.02 2.88
CA PRO A 11 -2.65 4.21 2.44
C PRO A 11 -3.55 3.06 2.90
N PRO A 12 -4.41 3.33 3.84
CA PRO A 12 -5.34 2.32 4.41
C PRO A 12 -6.35 1.79 3.39
N TYR A 14 -5.87 1.70 0.19
CA TYR A 14 -5.82 2.47 -1.04
C TYR A 14 -5.84 1.55 -2.25
N TRP A 15 -5.03 0.50 -2.20
CA TRP A 15 -4.96 -0.46 -3.29
C TRP A 15 -6.29 -1.20 -3.41
N GLU A 16 -6.95 -1.42 -2.26
CA GLU A 16 -8.22 -2.13 -2.24
C GLU A 16 -7.99 -3.64 -2.21
N GLY A 17 -6.78 -4.04 -1.87
CA GLY A 17 -6.43 -5.46 -1.79
C GLY A 17 -5.66 -5.79 -0.52
N GLU A 18 -4.77 -4.89 -0.13
CA GLU A 18 -3.97 -5.10 1.08
C GLU A 18 -4.86 -5.10 2.32
N CYS A 19 -5.82 -4.19 2.36
CA CYS A 19 -6.73 -4.10 3.48
C CYS A 19 -7.60 -5.34 3.57
N ALA A 1 4.93 4.69 -5.81
CA ALA A 1 6.09 5.45 -5.27
C ALA A 1 5.79 5.87 -3.83
N ALA A 2 4.51 6.03 -3.52
CA ALA A 2 4.11 6.42 -2.17
C ALA A 2 4.60 5.41 -1.15
N CYS A 3 4.36 4.14 -1.43
CA CYS A 3 4.79 3.07 -0.52
C CYS A 3 6.28 2.81 -0.68
N HIS A 4 6.80 3.11 -1.87
CA HIS A 4 8.23 2.90 -2.16
C HIS A 4 8.54 1.42 -2.27
N ASN A 5 8.58 0.75 -1.12
CA ASN A 5 8.88 -0.68 -1.10
C ASN A 5 7.60 -1.49 -1.07
N HIS A 6 6.47 -0.82 -1.30
CA HIS A 6 5.17 -1.49 -1.31
C HIS A 6 4.79 -1.92 0.11
N ALA A 7 3.77 -2.77 0.21
CA ALA A 7 3.31 -3.26 1.50
C ALA A 7 4.50 -3.55 2.42
N PRO A 8 4.45 -3.10 3.65
CA PRO A 8 3.31 -2.29 4.18
C PRO A 8 3.18 -0.97 3.43
N MET A 10 1.19 2.91 2.82
CA MET A 10 0.74 4.02 3.64
C MET A 10 -0.78 3.98 3.80
N PRO A 11 -1.50 4.20 2.74
CA PRO A 11 -2.99 4.19 2.74
C PRO A 11 -3.55 2.80 3.06
N PRO A 12 -4.13 2.65 4.22
CA PRO A 12 -4.71 1.35 4.67
C PRO A 12 -5.84 0.85 3.78
N TYR A 14 -5.50 0.91 0.16
CA TYR A 14 -5.52 1.72 -1.05
C TYR A 14 -5.88 0.86 -2.25
N TRP A 15 -5.25 -0.30 -2.34
CA TRP A 15 -5.50 -1.22 -3.45
C TRP A 15 -6.72 -2.08 -3.15
N GLU A 16 -7.34 -1.81 -1.99
CA GLU A 16 -8.52 -2.56 -1.58
C GLU A 16 -8.32 -4.06 -1.82
N GLY A 17 -7.06 -4.47 -1.85
CA GLY A 17 -6.73 -5.88 -2.06
C GLY A 17 -5.88 -6.43 -0.92
N GLU A 18 -4.84 -5.68 -0.55
CA GLU A 18 -3.96 -6.10 0.53
C GLU A 18 -4.70 -6.12 1.86
N CYS A 19 -5.53 -5.11 2.09
CA CYS A 19 -6.29 -5.04 3.33
C CYS A 19 -7.41 -6.07 3.34
N ALA A 1 7.44 4.01 -5.05
CA ALA A 1 6.11 3.33 -5.02
C ALA A 1 5.11 4.19 -4.28
N ALA A 2 3.99 3.59 -3.90
CA ALA A 2 2.95 4.31 -3.18
C ALA A 2 3.46 4.77 -1.81
N CYS A 3 4.23 3.91 -1.16
CA CYS A 3 4.78 4.23 0.15
C CYS A 3 6.30 4.22 0.10
N HIS A 4 6.85 4.40 -1.09
CA HIS A 4 8.30 4.41 -1.26
C HIS A 4 8.89 3.02 -0.99
N ASN A 5 8.02 2.06 -0.72
CA ASN A 5 8.47 0.70 -0.45
C ASN A 5 7.36 -0.31 -0.75
N HIS A 6 7.73 -1.58 -0.85
CA HIS A 6 6.76 -2.64 -1.14
C HIS A 6 5.86 -2.87 0.07
N ALA A 7 4.59 -3.19 -0.21
CA ALA A 7 3.63 -3.43 0.86
C ALA A 7 4.32 -4.03 2.08
N PRO A 8 3.76 -3.83 3.25
CA PRO A 8 2.50 -3.05 3.41
C PRO A 8 2.68 -1.58 3.02
N MET A 10 1.39 2.54 2.98
CA MET A 10 0.82 3.52 3.91
C MET A 10 -0.69 3.64 3.69
N PRO A 11 -1.10 3.71 2.45
CA PRO A 11 -2.55 3.83 2.10
C PRO A 11 -3.39 2.72 2.72
N PRO A 12 -4.16 3.05 3.71
CA PRO A 12 -5.04 2.07 4.43
C PRO A 12 -6.10 1.45 3.52
N TYR A 14 -6.02 1.29 0.37
CA TYR A 14 -6.18 2.12 -0.83
C TYR A 14 -6.38 1.24 -2.05
N TRP A 15 -5.57 0.19 -2.13
CA TRP A 15 -5.65 -0.74 -3.25
C TRP A 15 -6.81 -1.71 -3.06
N GLU A 16 -7.50 -1.55 -1.93
CA GLU A 16 -8.64 -2.41 -1.62
C GLU A 16 -8.29 -3.87 -1.88
N GLY A 17 -7.04 -4.23 -1.60
CA GLY A 17 -6.59 -5.60 -1.81
C GLY A 17 -5.52 -5.98 -0.80
N GLU A 18 -4.57 -5.07 -0.57
CA GLU A 18 -3.50 -5.33 0.38
C GLU A 18 -4.04 -5.47 1.80
N CYS A 19 -4.99 -4.61 2.14
CA CYS A 19 -5.59 -4.63 3.48
C CYS A 19 -6.34 -5.94 3.70
N ALA A 1 4.11 8.47 -5.11
CA ALA A 1 5.26 8.05 -4.26
C ALA A 1 4.77 7.06 -3.20
N ALA A 2 4.86 5.78 -3.50
CA ALA A 2 4.43 4.75 -2.56
C ALA A 2 5.51 4.48 -1.51
N CYS A 3 5.10 3.92 -0.38
CA CYS A 3 6.04 3.61 0.68
C CYS A 3 6.53 2.18 0.56
N HIS A 4 7.84 2.02 0.36
CA HIS A 4 8.42 0.69 0.22
C HIS A 4 7.69 -0.12 -0.85
N ASN A 5 6.82 0.55 -1.61
CA ASN A 5 6.07 -0.12 -2.66
C ASN A 5 4.98 -1.00 -2.05
N HIS A 6 4.07 -1.45 -2.91
CA HIS A 6 2.97 -2.31 -2.48
C HIS A 6 2.79 -2.26 -0.96
N ALA A 7 3.57 -3.08 -0.25
CA ALA A 7 3.50 -3.12 1.20
C ALA A 7 4.91 -3.14 1.81
N PRO A 8 5.11 -2.41 2.87
CA PRO A 8 4.04 -1.60 3.51
C PRO A 8 3.67 -0.38 2.67
N MET A 10 1.23 3.68 2.82
CA MET A 10 0.62 4.71 3.65
C MET A 10 -0.89 4.50 3.74
N PRO A 11 -1.58 4.60 2.63
CA PRO A 11 -3.06 4.40 2.57
C PRO A 11 -3.47 2.96 2.92
N PRO A 12 -4.17 2.80 4.01
CA PRO A 12 -4.61 1.46 4.49
C PRO A 12 -5.69 0.83 3.60
N TYR A 14 -5.14 0.79 0.00
CA TYR A 14 -5.05 1.48 -1.28
C TYR A 14 -5.13 0.50 -2.43
N TRP A 15 -4.36 -0.58 -2.32
CA TRP A 15 -4.35 -1.61 -3.35
C TRP A 15 -5.65 -2.39 -3.29
N GLU A 16 -6.52 -1.98 -2.36
CA GLU A 16 -7.80 -2.64 -2.20
C GLU A 16 -7.66 -4.13 -2.50
N GLY A 17 -7.02 -4.84 -1.58
CA GLY A 17 -6.80 -6.28 -1.74
C GLY A 17 -5.96 -6.83 -0.60
N GLU A 18 -4.84 -6.16 -0.32
CA GLU A 18 -3.96 -6.59 0.76
C GLU A 18 -4.64 -6.44 2.11
N CYS A 19 -5.38 -5.35 2.28
CA CYS A 19 -6.08 -5.09 3.53
C CYS A 19 -7.30 -6.00 3.66
N ALA A 1 1.71 9.51 -2.93
CA ALA A 1 2.83 9.08 -2.04
C ALA A 1 2.88 7.54 -2.00
N ALA A 2 3.10 6.94 -3.16
CA ALA A 2 3.17 5.49 -3.26
C ALA A 2 4.40 4.96 -2.51
N CYS A 3 4.24 3.82 -1.85
CA CYS A 3 5.34 3.22 -1.10
C CYS A 3 6.00 2.13 -1.92
N HIS A 4 7.27 2.31 -2.25
CA HIS A 4 8.01 1.33 -3.03
C HIS A 4 8.12 0.01 -2.26
N ASN A 5 7.95 0.07 -0.95
CA ASN A 5 8.04 -1.13 -0.12
C ASN A 5 6.95 -2.13 -0.50
N HIS A 6 7.29 -3.41 -0.49
CA HIS A 6 6.34 -4.46 -0.84
C HIS A 6 5.31 -4.63 0.26
N ALA A 7 4.54 -3.59 0.52
CA ALA A 7 3.52 -3.62 1.56
C ALA A 7 4.14 -3.95 2.91
N PRO A 8 3.56 -3.44 3.98
CA PRO A 8 2.35 -2.57 3.90
C PRO A 8 2.66 -1.23 3.23
N MET A 10 1.66 2.98 2.38
CA MET A 10 1.28 4.17 3.15
C MET A 10 -0.24 4.25 3.26
N PRO A 11 -0.92 4.29 2.13
CA PRO A 11 -2.40 4.38 2.10
C PRO A 11 -3.06 3.08 2.58
N PRO A 12 -3.82 3.15 3.64
CA PRO A 12 -4.51 1.96 4.23
C PRO A 12 -5.56 1.36 3.29
N TYR A 14 -5.04 0.99 -0.22
CA TYR A 14 -5.02 1.68 -1.51
C TYR A 14 -5.35 0.70 -2.63
N TRP A 15 -4.70 -0.46 -2.58
CA TRP A 15 -4.91 -1.49 -3.60
C TRP A 15 -6.21 -2.25 -3.30
N GLU A 16 -6.87 -1.86 -2.22
CA GLU A 16 -8.12 -2.51 -1.82
C GLU A 16 -7.98 -4.02 -1.93
N GLY A 17 -6.75 -4.50 -1.88
CA GLY A 17 -6.49 -5.94 -1.97
C GLY A 17 -5.69 -6.42 -0.77
N GLU A 18 -5.08 -5.49 -0.04
CA GLU A 18 -4.29 -5.82 1.13
C GLU A 18 -4.94 -5.28 2.40
N CYS A 19 -4.69 -4.01 2.68
CA CYS A 19 -5.27 -3.38 3.86
C CYS A 19 -5.32 -4.36 5.03
N ALA A 1 4.62 6.01 -7.20
CA ALA A 1 5.09 6.78 -6.02
C ALA A 1 4.34 6.31 -4.78
N ALA A 2 4.21 4.99 -4.64
CA ALA A 2 3.51 4.42 -3.50
C ALA A 2 4.36 4.51 -2.23
N CYS A 3 3.71 4.46 -1.08
CA CYS A 3 4.42 4.55 0.19
C CYS A 3 5.62 3.60 0.21
N HIS A 4 5.34 2.31 0.15
CA HIS A 4 6.40 1.30 0.14
C HIS A 4 6.30 0.43 -1.10
N ASN A 5 7.43 -0.09 -1.54
CA ASN A 5 7.48 -0.95 -2.72
C ASN A 5 6.64 -2.20 -2.51
N HIS A 6 6.75 -2.79 -1.32
CA HIS A 6 5.99 -4.00 -1.00
C HIS A 6 5.26 -3.84 0.33
N ALA A 7 5.00 -2.60 0.71
CA ALA A 7 4.31 -2.32 1.97
C ALA A 7 5.22 -2.62 3.15
N PRO A 8 4.75 -2.35 4.34
CA PRO A 8 3.39 -1.78 4.58
C PRO A 8 3.20 -0.45 3.88
N MET A 10 1.37 3.24 3.55
CA MET A 10 0.79 4.28 4.40
C MET A 10 -0.71 4.09 4.49
N PRO A 11 -1.41 4.31 3.40
CA PRO A 11 -2.89 4.16 3.35
C PRO A 11 -3.32 2.70 3.44
N PRO A 12 -3.95 2.33 4.51
CA PRO A 12 -4.42 0.93 4.75
C PRO A 12 -5.55 0.50 3.82
N TYR A 14 -5.23 1.19 0.27
CA TYR A 14 -5.19 2.10 -0.87
C TYR A 14 -5.37 1.32 -2.17
N TRP A 15 -4.61 0.26 -2.30
CA TRP A 15 -4.68 -0.58 -3.49
C TRP A 15 -6.04 -1.27 -3.55
N GLU A 16 -6.58 -1.59 -2.38
CA GLU A 16 -7.87 -2.27 -2.30
C GLU A 16 -7.67 -3.77 -2.44
N GLY A 17 -6.42 -4.20 -2.53
CA GLY A 17 -6.11 -5.62 -2.67
C GLY A 17 -5.34 -6.14 -1.46
N GLU A 18 -4.43 -5.33 -0.94
CA GLU A 18 -3.64 -5.73 0.23
C GLU A 18 -4.55 -5.89 1.45
N CYS A 19 -5.52 -5.00 1.59
CA CYS A 19 -6.44 -5.05 2.70
C CYS A 19 -7.50 -6.12 2.49
N ALA A 1 6.19 3.52 -4.55
CA ALA A 1 6.11 4.92 -5.04
C ALA A 1 5.29 5.76 -4.07
N ALA A 2 4.09 5.30 -3.75
CA ALA A 2 3.22 6.01 -2.82
C ALA A 2 3.89 6.15 -1.46
N CYS A 3 4.48 5.06 -0.98
CA CYS A 3 5.16 5.08 0.31
C CYS A 3 6.52 4.40 0.20
N HIS A 4 6.55 3.09 0.40
CA HIS A 4 7.80 2.35 0.32
C HIS A 4 7.54 0.93 -0.19
N ASN A 5 7.93 0.66 -1.42
CA ASN A 5 7.75 -0.66 -2.01
C ASN A 5 6.27 -1.04 -2.03
N HIS A 6 5.99 -2.31 -2.29
CA HIS A 6 4.61 -2.80 -2.34
C HIS A 6 4.17 -3.29 -0.96
N ALA A 7 3.49 -2.43 -0.22
CA ALA A 7 3.01 -2.79 1.11
C ALA A 7 4.19 -3.23 1.99
N PRO A 8 4.17 -2.82 3.24
CA PRO A 8 3.09 -1.96 3.80
C PRO A 8 3.19 -0.52 3.30
N MET A 10 1.36 3.55 2.84
CA MET A 10 0.78 4.56 3.72
C MET A 10 -0.73 4.33 3.86
N PRO A 11 -1.45 4.52 2.79
CA PRO A 11 -2.93 4.33 2.79
C PRO A 11 -3.33 2.87 3.05
N PRO A 12 -3.82 2.61 4.23
CA PRO A 12 -4.24 1.24 4.64
C PRO A 12 -5.42 0.70 3.83
N TYR A 14 -5.11 0.82 0.22
CA TYR A 14 -5.03 1.53 -1.05
C TYR A 14 -5.10 0.55 -2.21
N TRP A 15 -4.29 -0.49 -2.12
CA TRP A 15 -4.24 -1.51 -3.16
C TRP A 15 -5.60 -2.20 -3.26
N GLU A 16 -6.50 -1.84 -2.36
CA GLU A 16 -7.84 -2.43 -2.35
C GLU A 16 -7.77 -3.93 -2.63
N GLY A 17 -7.10 -4.65 -1.74
CA GLY A 17 -6.96 -6.10 -1.90
C GLY A 17 -6.14 -6.70 -0.77
N GLU A 18 -5.02 -6.05 -0.45
CA GLU A 18 -4.15 -6.52 0.63
C GLU A 18 -4.87 -6.47 1.96
N CYS A 19 -5.68 -5.43 2.16
CA CYS A 19 -6.43 -5.27 3.40
C CYS A 19 -7.76 -5.99 3.33
N ALA A 1 4.09 9.53 -2.72
CA ALA A 1 4.71 8.36 -3.42
C ALA A 1 3.87 7.11 -3.15
N ALA A 2 3.93 6.16 -4.06
CA ALA A 2 3.18 4.93 -3.92
C ALA A 2 4.03 3.86 -3.24
N CYS A 3 3.38 2.99 -2.47
CA CYS A 3 4.09 1.93 -1.77
C CYS A 3 4.53 0.83 -2.75
N HIS A 4 5.77 0.89 -3.18
CA HIS A 4 6.30 -0.10 -4.12
C HIS A 4 6.92 -1.26 -3.36
N ASN A 5 7.50 -0.97 -2.19
CA ASN A 5 8.13 -2.02 -1.39
C ASN A 5 7.55 -2.03 0.02
N HIS A 6 6.89 -0.95 0.40
CA HIS A 6 6.29 -0.85 1.73
C HIS A 6 5.35 -2.03 1.99
N ALA A 7 4.14 -1.95 1.44
CA ALA A 7 3.16 -3.03 1.62
C ALA A 7 3.33 -3.70 2.97
N PRO A 8 2.48 -3.39 3.92
CA PRO A 8 1.36 -2.41 3.74
C PRO A 8 1.86 -1.02 3.35
N MET A 10 1.20 3.36 2.99
CA MET A 10 0.82 4.44 3.88
C MET A 10 -0.63 4.30 4.33
N PRO A 11 -1.57 4.45 3.42
CA PRO A 11 -3.01 4.32 3.74
C PRO A 11 -3.45 2.87 3.86
N PRO A 12 -3.92 2.47 5.02
CA PRO A 12 -4.39 1.08 5.25
C PRO A 12 -5.33 0.62 4.14
N TYR A 14 -4.16 1.07 0.49
CA TYR A 14 -3.90 2.01 -0.58
C TYR A 14 -4.40 1.45 -1.89
N TRP A 15 -4.10 0.19 -2.13
CA TRP A 15 -4.51 -0.49 -3.35
C TRP A 15 -5.81 -1.27 -3.11
N GLU A 16 -6.36 -1.12 -1.92
CA GLU A 16 -7.59 -1.81 -1.56
C GLU A 16 -7.55 -3.26 -2.04
N GLY A 17 -6.34 -3.83 -2.07
CA GLY A 17 -6.18 -5.20 -2.52
C GLY A 17 -5.34 -6.00 -1.53
N GLU A 18 -4.19 -5.44 -1.14
CA GLU A 18 -3.30 -6.10 -0.21
C GLU A 18 -3.95 -6.20 1.17
N CYS A 19 -4.68 -5.16 1.55
CA CYS A 19 -5.35 -5.13 2.84
C CYS A 19 -6.59 -6.02 2.81
N ALA A 1 9.08 0.83 -2.25
CA ALA A 1 8.96 0.73 -0.77
C ALA A 1 7.74 1.51 -0.31
N ALA A 2 7.32 2.49 -1.11
CA ALA A 2 6.17 3.31 -0.78
C ALA A 2 4.88 2.63 -1.22
N CYS A 3 3.75 3.24 -0.88
CA CYS A 3 2.45 2.69 -1.24
C CYS A 3 2.36 2.46 -2.75
N HIS A 4 3.09 3.28 -3.50
CA HIS A 4 3.10 3.17 -4.95
C HIS A 4 3.62 1.80 -5.37
N ASN A 5 4.52 1.25 -4.57
CA ASN A 5 5.08 -0.07 -4.87
C ASN A 5 4.65 -1.09 -3.82
N HIS A 6 5.25 -1.03 -2.65
CA HIS A 6 4.92 -1.96 -1.57
C HIS A 6 4.85 -1.24 -0.24
N ALA A 7 3.96 -1.71 0.64
CA ALA A 7 3.80 -1.09 1.96
C ALA A 7 5.16 -0.76 2.57
N PRO A 8 5.16 -0.12 3.71
CA PRO A 8 3.91 0.29 4.40
C PRO A 8 3.07 1.23 3.55
N MET A 10 -0.24 4.03 3.08
CA MET A 10 -0.81 5.17 3.81
C MET A 10 -2.31 4.98 3.98
N PRO A 11 -3.03 4.90 2.90
CA PRO A 11 -4.51 4.72 2.92
C PRO A 11 -4.90 3.28 3.24
N PRO A 12 -5.90 3.12 4.07
CA PRO A 12 -6.39 1.77 4.47
C PRO A 12 -6.54 0.85 3.25
N TYR A 14 -4.15 0.78 0.37
CA TYR A 14 -3.86 1.61 -0.80
C TYR A 14 -3.94 0.77 -2.06
N TRP A 15 -3.28 -0.37 -2.03
CA TRP A 15 -3.25 -1.28 -3.16
C TRP A 15 -4.47 -2.18 -3.13
N GLU A 16 -5.38 -1.92 -2.20
CA GLU A 16 -6.59 -2.72 -2.06
C GLU A 16 -6.26 -4.21 -2.20
N GLY A 17 -4.98 -4.54 -2.01
CA GLY A 17 -4.54 -5.92 -2.10
C GLY A 17 -4.05 -6.42 -0.75
N GLU A 18 -3.15 -5.66 -0.14
CA GLU A 18 -2.59 -6.03 1.16
C GLU A 18 -3.68 -5.98 2.24
N CYS A 19 -4.55 -4.99 2.15
CA CYS A 19 -5.62 -4.84 3.13
C CYS A 19 -6.89 -5.54 2.64
N ALA A 1 2.73 -0.74 -4.27
CA ALA A 1 4.02 -0.04 -4.09
C ALA A 1 3.88 1.42 -4.51
N ALA A 2 2.68 1.96 -4.32
CA ALA A 2 2.41 3.35 -4.68
C ALA A 2 3.25 4.29 -3.84
N CYS A 3 3.38 3.97 -2.56
CA CYS A 3 4.16 4.80 -1.64
C CYS A 3 5.63 4.40 -1.69
N HIS A 4 5.90 3.16 -2.08
CA HIS A 4 7.27 2.67 -2.17
C HIS A 4 7.78 2.24 -0.80
N ASN A 5 7.48 1.00 -0.42
CA ASN A 5 7.92 0.49 0.87
C ASN A 5 7.12 -0.76 1.25
N HIS A 6 7.35 -1.25 2.46
CA HIS A 6 6.65 -2.43 2.94
C HIS A 6 5.19 -2.11 3.26
N ALA A 7 4.28 -2.88 2.67
CA ALA A 7 2.86 -2.67 2.87
C ALA A 7 2.05 -3.21 1.70
N PRO A 8 2.46 -2.92 0.49
CA PRO A 8 3.66 -2.07 0.22
C PRO A 8 3.38 -0.60 0.48
N MET A 10 1.67 2.47 2.68
CA MET A 10 1.30 2.79 4.05
C MET A 10 -0.21 2.81 4.21
N PRO A 11 -0.91 3.41 3.28
CA PRO A 11 -2.39 3.51 3.32
C PRO A 11 -3.05 2.15 3.58
N PRO A 12 -3.60 1.98 4.75
CA PRO A 12 -4.27 0.71 5.16
C PRO A 12 -5.43 0.34 4.24
N TYR A 14 -6.03 1.54 1.38
CA TYR A 14 -6.53 2.71 0.68
C TYR A 14 -6.91 2.36 -0.76
N TRP A 15 -6.02 1.66 -1.43
CA TRP A 15 -6.26 1.23 -2.80
C TRP A 15 -7.26 0.09 -2.82
N GLU A 16 -7.27 -0.70 -1.74
CA GLU A 16 -8.17 -1.84 -1.64
C GLU A 16 -7.56 -3.07 -2.31
N GLY A 17 -6.23 -3.07 -2.42
CA GLY A 17 -5.52 -4.18 -3.04
C GLY A 17 -4.32 -4.59 -2.21
N GLU A 18 -3.62 -3.61 -1.66
CA GLU A 18 -2.44 -3.88 -0.85
C GLU A 18 -2.83 -4.41 0.52
N CYS A 19 -4.12 -4.38 0.82
CA CYS A 19 -4.62 -4.85 2.10
C CYS A 19 -5.00 -6.33 2.02
#